data_6D0T
#
_entry.id   6D0T
#
_cell.length_a   55.760
_cell.length_b   32.270
_cell.length_c   81.650
_cell.angle_alpha   90.00
_cell.angle_beta   100.64
_cell.angle_gamma   90.00
#
_symmetry.space_group_name_H-M   'P 1 21 1'
#
loop_
_entity.id
_entity.type
_entity.pdbx_description
1 polymer BB1
2 water water
#
_entity_poly.entity_id   1
_entity_poly.type   'polypeptide(L)'
_entity_poly.pdbx_seq_one_letter_code
;MVDAAQYFPGTWEFRFRSSDGKEYRGTVEMQPRTPTEIEIRFKGQSSDGRPVEGRGSIEVRSPYEYRFEMQSSDGARWEG
TLQVRSPDSVEVRFKSSDGREYSGEFRRQEGSLEHHHHHH
;
_entity_poly.pdbx_strand_id   A,B
#
# COMPACT_ATOMS: atom_id res chain seq x y z
N MET A 1 9.14 -19.31 -5.66
CA MET A 1 9.65 -18.09 -4.99
C MET A 1 10.95 -18.38 -4.25
N VAL A 2 11.75 -17.34 -4.01
CA VAL A 2 12.96 -17.55 -3.24
C VAL A 2 12.60 -17.84 -1.79
N ASP A 3 13.53 -18.52 -1.12
CA ASP A 3 13.53 -18.75 0.30
C ASP A 3 14.12 -17.52 0.97
N ALA A 4 13.36 -16.86 1.84
CA ALA A 4 13.75 -15.53 2.28
C ALA A 4 15.14 -15.53 2.94
N ALA A 5 15.35 -16.45 3.87
CA ALA A 5 16.61 -16.42 4.61
C ALA A 5 17.77 -16.98 3.82
N GLN A 6 17.52 -17.81 2.81
CA GLN A 6 18.58 -18.20 1.88
C GLN A 6 19.00 -17.02 1.00
N TYR A 7 18.05 -16.26 0.47
CA TYR A 7 18.30 -15.37 -0.65
C TYR A 7 18.65 -13.95 -0.21
N PHE A 8 17.91 -13.38 0.72
CA PHE A 8 18.04 -11.93 0.93
C PHE A 8 19.25 -11.53 1.75
N PRO A 9 19.74 -12.34 2.69
CA PRO A 9 20.87 -11.89 3.51
C PRO A 9 22.08 -11.52 2.68
N GLY A 10 22.74 -10.45 3.12
CA GLY A 10 23.86 -9.92 2.38
C GLY A 10 23.87 -8.40 2.34
N THR A 11 24.82 -7.87 1.59
CA THR A 11 24.98 -6.43 1.39
C THR A 11 24.49 -6.06 -0.01
N TRP A 12 23.68 -5.00 -0.08
CA TRP A 12 23.07 -4.58 -1.32
C TRP A 12 23.21 -3.07 -1.46
N GLU A 13 23.37 -2.61 -2.68
CA GLU A 13 23.20 -1.20 -3.02
C GLU A 13 21.76 -1.01 -3.44
N PHE A 14 21.21 0.17 -3.14
CA PHE A 14 19.85 0.48 -3.56
C PHE A 14 19.75 1.83 -4.24
N ARG A 15 18.73 1.95 -5.09
N ARG A 15 18.75 1.94 -5.11
CA ARG A 15 18.36 3.21 -5.74
CA ARG A 15 18.35 3.21 -5.71
C ARG A 15 16.84 3.21 -5.82
C ARG A 15 16.84 3.20 -5.79
N PHE A 16 16.21 4.19 -5.19
CA PHE A 16 14.75 4.35 -5.20
C PHE A 16 14.43 5.70 -5.82
N ARG A 17 13.40 5.75 -6.68
CA ARG A 17 13.05 7.00 -7.34
C ARG A 17 11.53 7.13 -7.44
N SER A 18 11.05 8.32 -7.17
CA SER A 18 9.61 8.53 -7.20
C SER A 18 9.21 9.11 -8.54
N SER A 19 7.90 9.09 -8.80
CA SER A 19 7.42 9.59 -10.07
C SER A 19 7.69 11.07 -10.23
N ASP A 20 7.86 11.81 -9.13
N ASP A 20 7.85 11.82 -9.14
CA ASP A 20 8.17 13.23 -9.19
CA ASP A 20 8.15 13.24 -9.22
C ASP A 20 9.67 13.50 -9.30
C ASP A 20 9.65 13.53 -9.08
N GLY A 21 10.50 12.47 -9.18
N GLY A 21 10.49 12.51 -9.16
CA GLY A 21 11.93 12.63 -9.35
CA GLY A 21 11.92 12.70 -9.36
C GLY A 21 12.74 12.60 -8.07
C GLY A 21 12.77 12.71 -8.11
N LYS A 22 12.11 12.52 -6.91
N LYS A 22 12.20 12.51 -6.93
CA LYS A 22 12.90 12.38 -5.70
CA LYS A 22 13.03 12.39 -5.74
C LYS A 22 13.55 11.01 -5.67
C LYS A 22 13.68 11.03 -5.71
N GLU A 23 14.77 10.95 -5.14
N GLU A 23 14.99 11.00 -5.41
CA GLU A 23 15.57 9.73 -5.27
CA GLU A 23 15.71 9.74 -5.30
C GLU A 23 16.42 9.55 -4.02
C GLU A 23 16.30 9.57 -3.91
N TYR A 24 16.51 8.30 -3.57
CA TYR A 24 17.37 7.91 -2.47
C TYR A 24 18.31 6.84 -3.00
N ARG A 25 19.56 6.87 -2.54
CA ARG A 25 20.54 5.85 -2.87
C ARG A 25 21.26 5.47 -1.59
N GLY A 26 21.80 4.27 -1.54
CA GLY A 26 22.61 3.90 -0.39
C GLY A 26 22.93 2.43 -0.39
N THR A 27 23.27 1.93 0.80
CA THR A 27 23.68 0.55 1.02
C THR A 27 22.82 -0.03 2.14
N VAL A 28 22.43 -1.28 1.99
CA VAL A 28 21.71 -1.99 3.04
C VAL A 28 22.48 -3.26 3.39
N GLU A 29 22.36 -3.64 4.65
CA GLU A 29 22.73 -4.98 5.12
C GLU A 29 21.46 -5.68 5.56
N MET A 30 21.28 -6.91 5.08
CA MET A 30 20.13 -7.74 5.43
C MET A 30 20.60 -8.98 6.17
N GLN A 31 19.92 -9.30 7.26
CA GLN A 31 20.19 -10.53 7.99
C GLN A 31 18.87 -11.07 8.53
N PRO A 32 18.73 -12.39 8.65
CA PRO A 32 17.46 -12.91 9.16
C PRO A 32 17.33 -12.67 10.65
N ARG A 33 16.16 -12.23 11.05
CA ARG A 33 15.78 -12.38 12.45
C ARG A 33 15.16 -13.76 12.68
N THR A 34 14.25 -14.14 11.79
CA THR A 34 13.67 -15.47 11.70
C THR A 34 13.56 -15.77 10.23
N PRO A 35 13.17 -16.99 9.84
CA PRO A 35 13.03 -17.27 8.41
C PRO A 35 11.93 -16.49 7.73
N THR A 36 11.01 -15.88 8.48
CA THR A 36 9.95 -15.07 7.87
C THR A 36 10.17 -13.59 8.02
N GLU A 37 11.28 -13.17 8.63
N GLU A 37 11.26 -13.17 8.66
CA GLU A 37 11.52 -11.75 8.91
CA GLU A 37 11.52 -11.75 8.89
C GLU A 37 13.00 -11.45 8.68
C GLU A 37 13.00 -11.47 8.66
N ILE A 38 13.31 -10.80 7.55
CA ILE A 38 14.67 -10.38 7.24
C ILE A 38 14.80 -8.92 7.64
N GLU A 39 15.70 -8.63 8.58
CA GLU A 39 15.92 -7.26 9.00
C GLU A 39 16.85 -6.51 8.04
N ILE A 40 16.53 -5.24 7.81
CA ILE A 40 17.31 -4.34 6.98
C ILE A 40 17.89 -3.26 7.89
N ARG A 41 19.17 -2.97 7.72
CA ARG A 41 19.79 -1.74 8.22
C ARG A 41 20.37 -1.01 7.02
N PHE A 42 20.21 0.32 6.95
CA PHE A 42 20.68 1.04 5.78
C PHE A 42 21.25 2.41 6.14
N LYS A 43 22.14 2.86 5.27
CA LYS A 43 22.68 4.21 5.23
C LYS A 43 22.60 4.68 3.79
N GLY A 44 22.31 5.95 3.61
CA GLY A 44 22.20 6.44 2.26
C GLY A 44 22.00 7.93 2.25
N GLN A 45 21.49 8.44 1.13
CA GLN A 45 21.28 9.87 1.03
C GLN A 45 20.26 10.14 -0.08
N SER A 46 19.54 11.24 0.08
CA SER A 46 18.63 11.65 -0.98
C SER A 46 19.39 12.38 -2.07
N SER A 47 18.69 12.65 -3.17
CA SER A 47 19.32 13.29 -4.33
C SER A 47 19.70 14.73 -4.06
N ASP A 48 19.21 15.33 -2.97
CA ASP A 48 19.70 16.64 -2.56
CA ASP A 48 19.69 16.64 -2.55
C ASP A 48 20.96 16.53 -1.70
N GLY A 49 21.46 15.32 -1.49
CA GLY A 49 22.64 15.08 -0.68
C GLY A 49 22.39 14.85 0.79
N ARG A 50 21.15 14.93 1.27
CA ARG A 50 20.91 14.85 2.70
C ARG A 50 21.16 13.42 3.16
N PRO A 51 22.04 13.20 4.14
CA PRO A 51 22.27 11.82 4.59
C PRO A 51 21.11 11.30 5.40
N VAL A 52 20.85 10.01 5.23
CA VAL A 52 19.82 9.32 5.98
C VAL A 52 20.34 7.95 6.42
N GLU A 53 19.63 7.38 7.39
N GLU A 53 19.63 7.38 7.39
CA GLU A 53 19.86 6.01 7.81
CA GLU A 53 19.85 6.00 7.78
C GLU A 53 18.55 5.47 8.35
C GLU A 53 18.55 5.47 8.35
N GLY A 54 18.51 4.16 8.62
CA GLY A 54 17.30 3.61 9.16
C GLY A 54 17.30 2.10 9.13
N ARG A 55 16.09 1.57 9.28
CA ARG A 55 15.84 0.15 9.41
C ARG A 55 14.62 -0.22 8.58
N GLY A 56 14.51 -1.51 8.30
CA GLY A 56 13.35 -2.01 7.59
C GLY A 56 13.30 -3.50 7.70
N SER A 57 12.44 -4.09 6.87
CA SER A 57 12.34 -5.55 6.86
C SER A 57 11.69 -6.02 5.57
N ILE A 58 11.99 -7.29 5.24
CA ILE A 58 11.29 -8.06 4.23
C ILE A 58 10.66 -9.23 4.96
N GLU A 59 9.35 -9.38 4.80
CA GLU A 59 8.61 -10.35 5.59
C GLU A 59 7.72 -11.21 4.71
N VAL A 60 7.49 -12.42 5.21
CA VAL A 60 6.44 -13.31 4.74
C VAL A 60 5.18 -13.00 5.52
N ARG A 61 4.16 -12.56 4.81
N ARG A 61 4.14 -12.57 4.81
CA ARG A 61 2.86 -12.29 5.42
CA ARG A 61 2.83 -12.32 5.40
C ARG A 61 1.75 -12.78 4.51
C ARG A 61 1.74 -12.80 4.46
N SER A 62 1.59 -12.16 3.34
N SER A 62 1.67 -12.19 3.28
CA SER A 62 0.56 -12.59 2.41
CA SER A 62 0.65 -12.54 2.31
C SER A 62 0.97 -13.86 1.67
C SER A 62 0.98 -13.86 1.62
N PRO A 63 -0.02 -14.60 1.15
CA PRO A 63 0.28 -15.77 0.32
C PRO A 63 0.89 -15.43 -1.04
N TYR A 64 0.89 -14.18 -1.46
CA TYR A 64 1.21 -13.85 -2.86
C TYR A 64 2.62 -13.31 -3.04
N GLU A 65 3.15 -12.59 -2.07
CA GLU A 65 4.32 -11.78 -2.38
C GLU A 65 4.96 -11.33 -1.09
N TYR A 66 6.24 -10.98 -1.19
CA TYR A 66 6.97 -10.47 -0.02
C TYR A 66 6.53 -9.06 0.33
N ARG A 67 6.42 -8.79 1.64
CA ARG A 67 6.18 -7.46 2.17
C ARG A 67 7.51 -6.74 2.37
N PHE A 68 7.56 -5.49 1.98
CA PHE A 68 8.74 -4.66 2.12
C PHE A 68 8.39 -3.40 2.88
N GLU A 69 9.18 -3.07 3.90
CA GLU A 69 9.01 -1.82 4.62
C GLU A 69 10.36 -1.25 5.04
N MET A 70 10.46 0.08 5.03
CA MET A 70 11.68 0.76 5.47
C MET A 70 11.26 2.09 6.11
N GLN A 71 11.99 2.48 7.14
CA GLN A 71 11.76 3.75 7.84
C GLN A 71 13.07 4.51 7.90
N SER A 72 13.02 5.79 7.57
CA SER A 72 14.19 6.63 7.41
C SER A 72 14.26 7.69 8.52
N SER A 73 15.50 8.07 8.83
CA SER A 73 15.81 9.07 9.83
C SER A 73 15.38 10.48 9.43
N ASP A 74 15.05 10.71 8.15
CA ASP A 74 14.48 11.98 7.70
C ASP A 74 12.96 11.98 7.72
N GLY A 75 12.35 10.90 8.17
CA GLY A 75 10.93 10.85 8.34
C GLY A 75 10.21 10.12 7.25
N ALA A 76 10.90 9.69 6.22
CA ALA A 76 10.27 8.91 5.18
C ALA A 76 9.92 7.53 5.71
N ARG A 77 8.69 7.07 5.41
CA ARG A 77 8.23 5.75 5.78
C ARG A 77 7.69 5.08 4.53
N TRP A 78 8.23 3.90 4.22
CA TRP A 78 8.03 3.25 2.92
C TRP A 78 7.45 1.86 3.12
N GLU A 79 6.37 1.56 2.40
N GLU A 79 6.40 1.55 2.35
CA GLU A 79 5.80 0.22 2.50
CA GLU A 79 5.72 0.28 2.49
C GLU A 79 5.33 -0.22 1.13
C GLU A 79 5.28 -0.21 1.12
N GLY A 80 5.66 -1.45 0.79
CA GLY A 80 5.23 -2.01 -0.47
C GLY A 80 5.61 -3.45 -0.65
N THR A 81 6.03 -3.80 -1.86
N THR A 81 6.08 -3.76 -1.85
CA THR A 81 6.39 -5.17 -2.17
CA THR A 81 6.34 -5.12 -2.27
C THR A 81 7.61 -5.17 -3.09
C THR A 81 7.61 -5.17 -3.10
N LEU A 82 8.02 -6.38 -3.47
CA LEU A 82 9.20 -6.51 -4.29
C LEU A 82 9.04 -7.70 -5.22
N GLN A 83 9.93 -7.72 -6.21
CA GLN A 83 9.99 -8.83 -7.16
C GLN A 83 11.45 -9.16 -7.42
N VAL A 84 11.87 -10.34 -6.99
CA VAL A 84 13.18 -10.85 -7.34
C VAL A 84 13.27 -11.09 -8.85
N ARG A 85 14.36 -10.63 -9.47
CA ARG A 85 14.58 -10.77 -10.90
C ARG A 85 15.74 -11.67 -11.28
N SER A 86 16.71 -11.87 -10.39
CA SER A 86 17.91 -12.65 -10.68
C SER A 86 18.59 -12.93 -9.36
N PRO A 87 19.70 -13.67 -9.36
CA PRO A 87 20.39 -13.90 -8.07
C PRO A 87 20.91 -12.64 -7.43
N ASP A 88 21.11 -11.57 -8.19
CA ASP A 88 21.68 -10.34 -7.63
C ASP A 88 20.82 -9.10 -7.78
N SER A 89 19.53 -9.21 -8.15
CA SER A 89 18.74 -8.02 -8.46
C SER A 89 17.31 -8.22 -8.01
N VAL A 90 16.79 -7.22 -7.27
CA VAL A 90 15.42 -7.21 -6.76
C VAL A 90 14.79 -5.87 -7.12
N GLU A 91 13.60 -5.88 -7.71
CA GLU A 91 12.89 -4.63 -7.95
C GLU A 91 11.90 -4.39 -6.82
N VAL A 92 11.70 -3.11 -6.47
CA VAL A 92 10.75 -2.76 -5.41
C VAL A 92 9.76 -1.73 -5.93
N ARG A 93 8.56 -1.77 -5.34
CA ARG A 93 7.51 -0.78 -5.60
C ARG A 93 6.86 -0.44 -4.27
N PHE A 94 6.80 0.84 -3.92
CA PHE A 94 6.29 1.16 -2.60
C PHE A 94 5.67 2.55 -2.56
N LYS A 95 4.82 2.73 -1.55
CA LYS A 95 4.23 4.02 -1.21
C LYS A 95 4.97 4.63 -0.04
N SER A 96 5.06 5.95 -0.07
CA SER A 96 5.71 6.73 0.95
C SER A 96 4.68 7.51 1.77
N SER A 97 5.02 7.75 3.03
CA SER A 97 4.18 8.55 3.92
C SER A 97 4.02 9.98 3.42
N ASP A 98 4.91 10.47 2.57
CA ASP A 98 4.77 11.80 1.99
CA ASP A 98 4.73 11.81 2.02
C ASP A 98 3.83 11.82 0.79
N GLY A 99 3.18 10.71 0.48
CA GLY A 99 2.26 10.64 -0.64
C GLY A 99 2.89 10.25 -1.97
N ARG A 100 4.20 10.05 -2.02
CA ARG A 100 4.88 9.67 -3.24
C ARG A 100 4.78 8.17 -3.50
N GLU A 101 4.88 7.80 -4.78
CA GLU A 101 4.98 6.43 -5.22
C GLU A 101 6.37 6.22 -5.77
N TYR A 102 7.05 5.15 -5.35
CA TYR A 102 8.42 4.88 -5.76
C TYR A 102 8.55 3.52 -6.44
N SER A 103 9.53 3.44 -7.34
CA SER A 103 10.09 2.19 -7.82
CA SER A 103 10.08 2.18 -7.80
C SER A 103 11.59 2.22 -7.57
N GLY A 104 12.22 1.06 -7.62
CA GLY A 104 13.63 1.02 -7.29
C GLY A 104 14.18 -0.37 -7.41
N GLU A 105 15.46 -0.49 -7.04
CA GLU A 105 16.18 -1.73 -7.20
C GLU A 105 17.19 -1.90 -6.07
N PHE A 106 17.35 -3.14 -5.62
CA PHE A 106 18.47 -3.61 -4.82
C PHE A 106 19.39 -4.43 -5.72
N ARG A 107 20.69 -4.18 -5.63
CA ARG A 107 21.73 -4.87 -6.40
C ARG A 107 22.74 -5.47 -5.41
N ARG A 108 22.90 -6.79 -5.45
CA ARG A 108 23.72 -7.47 -4.47
C ARG A 108 25.18 -7.16 -4.70
N GLN A 109 25.91 -6.89 -3.61
CA GLN A 109 27.34 -6.62 -3.64
C GLN A 109 28.11 -7.79 -3.06
N GLU A 110 29.43 -7.70 -3.15
CA GLU A 110 30.33 -8.58 -2.40
C GLU A 110 30.72 -7.88 -1.11
N GLY A 111 30.43 -8.52 0.03
CA GLY A 111 30.80 -7.97 1.32
C GLY A 111 30.11 -6.66 1.63
N MET B 1 -30.38 1.36 -11.63
CA MET B 1 -29.19 1.60 -10.78
C MET B 1 -29.12 3.07 -10.42
N VAL B 2 -28.33 3.40 -9.40
CA VAL B 2 -28.16 4.79 -9.02
C VAL B 2 -27.30 5.49 -10.05
N ASP B 3 -27.55 6.78 -10.21
CA ASP B 3 -26.69 7.70 -10.94
C ASP B 3 -25.48 8.00 -10.07
N ALA B 4 -24.28 7.71 -10.58
CA ALA B 4 -23.11 7.69 -9.69
C ALA B 4 -22.84 9.06 -9.08
N ALA B 5 -22.84 10.11 -9.90
CA ALA B 5 -22.48 11.43 -9.39
C ALA B 5 -23.61 12.07 -8.58
N GLN B 6 -24.85 11.60 -8.73
CA GLN B 6 -25.93 12.04 -7.85
C GLN B 6 -25.87 11.35 -6.50
N TYR B 7 -25.54 10.07 -6.48
CA TYR B 7 -25.71 9.24 -5.29
C TYR B 7 -24.47 9.19 -4.40
N PHE B 8 -23.30 8.93 -4.96
CA PHE B 8 -22.19 8.55 -4.10
C PHE B 8 -21.53 9.72 -3.36
N PRO B 9 -21.45 10.92 -3.94
CA PRO B 9 -20.72 12.01 -3.25
C PRO B 9 -21.23 12.24 -1.84
N GLY B 10 -20.29 12.48 -0.93
CA GLY B 10 -20.64 12.66 0.45
C GLY B 10 -19.62 12.04 1.38
N THR B 11 -19.92 12.08 2.67
CA THR B 11 -19.10 11.43 3.70
C THR B 11 -19.78 10.16 4.16
N TRP B 12 -18.98 9.10 4.31
CA TRP B 12 -19.49 7.79 4.66
C TRP B 12 -18.58 7.18 5.70
N GLU B 13 -19.16 6.41 6.60
CA GLU B 13 -18.36 5.55 7.46
C GLU B 13 -18.25 4.19 6.79
N PHE B 14 -17.13 3.51 6.98
CA PHE B 14 -16.96 2.19 6.41
C PHE B 14 -16.52 1.19 7.48
N ARG B 15 -16.96 -0.03 7.31
CA ARG B 15 -16.55 -1.14 8.15
C ARG B 15 -16.43 -2.34 7.24
N PHE B 16 -15.22 -2.87 7.11
CA PHE B 16 -14.92 -4.01 6.25
C PHE B 16 -14.31 -5.12 7.11
N ARG B 17 -14.74 -6.35 6.86
CA ARG B 17 -14.32 -7.46 7.70
C ARG B 17 -14.12 -8.71 6.85
N SER B 18 -13.10 -9.48 7.19
CA SER B 18 -12.89 -10.78 6.56
C SER B 18 -13.47 -11.89 7.44
N SER B 19 -13.62 -13.08 6.85
CA SER B 19 -14.23 -14.16 7.63
C SER B 19 -13.36 -14.58 8.80
N ASP B 20 -12.07 -14.32 8.76
CA ASP B 20 -11.20 -14.67 9.88
C ASP B 20 -11.07 -13.54 10.90
N GLY B 21 -11.83 -12.46 10.75
CA GLY B 21 -11.93 -11.46 11.77
C GLY B 21 -11.05 -10.24 11.59
N LYS B 22 -10.29 -10.16 10.50
CA LYS B 22 -9.56 -8.91 10.24
C LYS B 22 -10.56 -7.84 9.85
N GLU B 23 -10.42 -6.65 10.41
CA GLU B 23 -11.39 -5.60 10.20
CA GLU B 23 -11.41 -5.58 10.23
C GLU B 23 -10.69 -4.28 9.92
N TYR B 24 -11.29 -3.48 9.03
CA TYR B 24 -10.89 -2.09 8.81
C TYR B 24 -12.11 -1.22 9.04
N ARG B 25 -11.95 -0.13 9.78
CA ARG B 25 -13.01 0.82 10.07
C ARG B 25 -12.51 2.23 9.83
N GLY B 26 -13.39 3.10 9.35
CA GLY B 26 -12.98 4.49 9.17
C GLY B 26 -14.04 5.30 8.45
N THR B 27 -13.56 6.37 7.81
N THR B 27 -13.58 6.42 7.89
CA THR B 27 -14.38 7.37 7.12
CA THR B 27 -14.47 7.34 7.21
C THR B 27 -13.83 7.59 5.72
C THR B 27 -13.95 7.60 5.80
N VAL B 28 -14.73 7.71 4.73
N VAL B 28 -14.89 7.93 4.92
CA VAL B 28 -14.34 8.08 3.39
CA VAL B 28 -14.59 8.15 3.52
C VAL B 28 -15.09 9.34 3.00
C VAL B 28 -15.23 9.46 3.09
N GLU B 29 -14.45 10.14 2.14
N GLU B 29 -14.54 10.17 2.19
CA GLU B 29 -15.11 11.21 1.43
CA GLU B 29 -15.15 11.25 1.44
C GLU B 29 -15.12 10.87 -0.05
C GLU B 29 -15.12 10.89 -0.04
N MET B 30 -16.26 11.01 -0.68
CA MET B 30 -16.41 10.73 -2.10
C MET B 30 -16.80 12.02 -2.82
N GLN B 31 -16.16 12.26 -3.97
CA GLN B 31 -16.42 13.43 -4.81
C GLN B 31 -16.32 13.03 -6.27
N PRO B 32 -17.17 13.56 -7.15
CA PRO B 32 -17.04 13.17 -8.55
C PRO B 32 -15.85 13.85 -9.21
N ARG B 33 -15.10 13.08 -9.97
CA ARG B 33 -14.17 13.65 -10.92
C ARG B 33 -14.86 13.84 -12.27
N THR B 34 -15.62 12.83 -12.69
CA THR B 34 -16.51 12.91 -13.83
C THR B 34 -17.76 12.10 -13.49
N PRO B 35 -18.79 12.11 -14.33
CA PRO B 35 -19.97 11.29 -14.01
C PRO B 35 -19.70 9.79 -13.99
N THR B 36 -18.58 9.31 -14.55
CA THR B 36 -18.25 7.88 -14.48
C THR B 36 -17.10 7.57 -13.54
N GLU B 37 -16.55 8.55 -12.84
CA GLU B 37 -15.42 8.32 -11.92
C GLU B 37 -15.66 9.11 -10.64
N ILE B 38 -15.93 8.39 -9.56
CA ILE B 38 -16.09 8.98 -8.23
C ILE B 38 -14.79 8.75 -7.46
N GLU B 39 -14.16 9.82 -7.02
CA GLU B 39 -12.93 9.70 -6.25
C GLU B 39 -13.23 9.46 -4.77
N ILE B 40 -12.43 8.60 -4.16
CA ILE B 40 -12.56 8.25 -2.75
C ILE B 40 -11.28 8.65 -2.04
N ARG B 41 -11.41 9.31 -0.90
CA ARG B 41 -10.30 9.50 0.03
C ARG B 41 -10.72 8.93 1.37
N PHE B 42 -9.85 8.14 2.00
CA PHE B 42 -10.25 7.52 3.26
C PHE B 42 -9.16 7.57 4.32
N LYS B 43 -9.61 7.54 5.57
CA LYS B 43 -8.76 7.45 6.74
C LYS B 43 -9.41 6.46 7.70
N GLY B 44 -8.63 5.60 8.31
CA GLY B 44 -9.21 4.61 9.17
C GLY B 44 -8.15 3.89 9.95
N GLN B 45 -8.53 2.71 10.44
CA GLN B 45 -7.67 1.87 11.25
C GLN B 45 -7.94 0.41 10.95
N SER B 46 -6.88 -0.38 11.05
CA SER B 46 -7.01 -1.83 11.03
C SER B 46 -7.28 -2.37 12.43
N SER B 47 -7.66 -3.63 12.49
CA SER B 47 -8.02 -4.21 13.78
C SER B 47 -6.82 -4.43 14.68
N ASP B 48 -5.59 -4.26 14.19
CA ASP B 48 -4.40 -4.24 15.04
C ASP B 48 -4.09 -2.83 15.55
N GLY B 49 -4.95 -1.86 15.27
CA GLY B 49 -4.76 -0.51 15.71
C GLY B 49 -4.04 0.40 14.74
N ARG B 50 -3.41 -0.14 13.71
CA ARG B 50 -2.60 0.69 12.82
C ARG B 50 -3.47 1.67 12.05
N PRO B 51 -3.07 2.94 11.96
CA PRO B 51 -3.80 3.84 11.09
C PRO B 51 -3.52 3.55 9.62
N VAL B 52 -4.55 3.71 8.79
CA VAL B 52 -4.43 3.56 7.36
C VAL B 52 -5.11 4.74 6.69
N GLU B 53 -4.61 5.09 5.52
CA GLU B 53 -5.24 6.13 4.71
C GLU B 53 -4.94 5.83 3.26
N GLY B 54 -5.75 6.40 2.36
CA GLY B 54 -5.43 6.22 0.96
C GLY B 54 -6.51 6.78 0.06
N ARG B 55 -6.50 6.30 -1.18
CA ARG B 55 -7.35 6.83 -2.22
C ARG B 55 -7.91 5.67 -3.03
N GLY B 56 -9.03 5.93 -3.67
CA GLY B 56 -9.63 4.92 -4.52
C GLY B 56 -10.62 5.55 -5.44
N SER B 57 -11.42 4.71 -6.07
CA SER B 57 -12.44 5.23 -6.95
C SER B 57 -13.57 4.22 -7.08
N ILE B 58 -14.73 4.76 -7.44
CA ILE B 58 -15.88 4.02 -7.92
C ILE B 58 -16.05 4.43 -9.37
N GLU B 59 -16.13 3.45 -10.25
CA GLU B 59 -16.14 3.74 -11.68
C GLU B 59 -17.25 2.97 -12.37
N VAL B 60 -17.74 3.58 -13.45
CA VAL B 60 -18.58 2.92 -14.42
C VAL B 60 -17.67 2.36 -15.48
N ARG B 61 -17.70 1.04 -15.66
CA ARG B 61 -16.91 0.41 -16.70
C ARG B 61 -17.71 -0.70 -17.36
N SER B 62 -18.16 -1.67 -16.58
CA SER B 62 -18.90 -2.78 -17.17
C SER B 62 -20.40 -2.52 -17.11
N PRO B 63 -21.17 -3.24 -17.93
CA PRO B 63 -22.64 -3.08 -17.89
C PRO B 63 -23.30 -3.51 -16.60
N TYR B 64 -22.67 -4.36 -15.80
CA TYR B 64 -23.43 -5.05 -14.77
C TYR B 64 -23.48 -4.28 -13.45
N GLU B 65 -22.37 -3.71 -13.05
CA GLU B 65 -22.23 -3.32 -11.66
C GLU B 65 -21.16 -2.25 -11.55
N TYR B 66 -21.17 -1.58 -10.41
CA TYR B 66 -20.12 -0.65 -10.05
C TYR B 66 -18.87 -1.36 -9.58
N ARG B 67 -17.73 -0.89 -10.10
CA ARG B 67 -16.41 -1.36 -9.74
C ARG B 67 -15.84 -0.45 -8.67
N PHE B 68 -15.07 -1.05 -7.77
CA PHE B 68 -14.50 -0.33 -6.64
C PHE B 68 -13.02 -0.68 -6.52
N GLU B 69 -12.16 0.31 -6.28
CA GLU B 69 -10.77 0.05 -5.95
C GLU B 69 -10.28 1.06 -4.92
N MET B 70 -9.40 0.61 -4.02
CA MET B 70 -8.77 1.48 -3.03
C MET B 70 -7.32 1.06 -2.89
N GLN B 71 -6.43 2.03 -2.73
N GLN B 71 -6.45 2.05 -2.68
CA GLN B 71 -5.03 1.76 -2.44
CA GLN B 71 -5.04 1.81 -2.38
C GLN B 71 -4.69 2.43 -1.12
C GLN B 71 -4.68 2.56 -1.11
N SER B 72 -4.08 1.68 -0.22
N SER B 72 -3.93 1.89 -0.23
CA SER B 72 -3.87 2.14 1.14
CA SER B 72 -3.53 2.46 1.03
C SER B 72 -2.41 2.41 1.40
C SER B 72 -2.08 2.92 0.95
N SER B 73 -2.19 3.22 2.45
N SER B 73 -1.77 4.02 1.65
CA SER B 73 -0.85 3.57 2.91
CA SER B 73 -0.41 4.56 1.68
C SER B 73 -0.06 2.34 3.34
C SER B 73 0.58 3.58 2.29
N ASP B 74 -0.75 1.29 3.81
N ASP B 74 0.07 2.45 2.79
CA ASP B 74 -0.05 0.10 4.26
CA ASP B 74 0.93 1.39 3.31
C ASP B 74 0.42 -0.78 3.11
C ASP B 74 1.04 0.19 2.36
N GLY B 75 0.42 -0.23 1.89
N GLY B 75 0.53 0.31 1.13
CA GLY B 75 0.81 -0.94 0.70
CA GLY B 75 0.83 -0.62 0.06
C GLY B 75 -0.29 -1.77 0.07
C GLY B 75 -0.29 -1.58 -0.31
N ALA B 76 -1.44 -1.92 0.73
N ALA B 76 -1.31 -1.74 0.52
CA ALA B 76 -2.44 -2.84 0.24
CA ALA B 76 -2.37 -2.68 0.22
C ALA B 76 -3.23 -2.24 -0.92
C ALA B 76 -3.23 -2.19 -0.95
N ARG B 77 -3.72 -3.14 -1.76
CA ARG B 77 -4.62 -2.82 -2.86
C ARG B 77 -5.91 -3.61 -2.66
N TRP B 78 -7.05 -2.92 -2.79
CA TRP B 78 -8.37 -3.50 -2.61
C TRP B 78 -9.12 -3.36 -3.94
N GLU B 79 -9.73 -4.46 -4.41
CA GLU B 79 -10.46 -4.41 -5.68
C GLU B 79 -11.73 -5.23 -5.57
N GLY B 80 -12.86 -4.65 -5.94
CA GLY B 80 -14.12 -5.39 -5.85
C GLY B 80 -15.32 -4.71 -6.46
N THR B 81 -16.49 -5.01 -5.92
CA THR B 81 -17.74 -4.53 -6.43
C THR B 81 -18.59 -3.95 -5.29
N LEU B 82 -19.62 -3.22 -5.69
CA LEU B 82 -20.54 -2.59 -4.76
C LEU B 82 -21.97 -3.00 -5.10
N GLN B 83 -22.83 -2.93 -4.08
CA GLN B 83 -24.28 -3.09 -4.27
C GLN B 83 -24.97 -2.12 -3.35
N VAL B 84 -25.59 -1.09 -3.95
CA VAL B 84 -26.41 -0.17 -3.19
C VAL B 84 -27.61 -0.90 -2.61
N ARG B 85 -27.89 -0.65 -1.33
CA ARG B 85 -29.00 -1.28 -0.62
C ARG B 85 -30.07 -0.31 -0.18
N SER B 86 -29.75 0.96 -0.04
CA SER B 86 -30.67 1.98 0.45
C SER B 86 -30.11 3.35 0.13
N PRO B 87 -30.83 4.43 0.41
CA PRO B 87 -30.27 5.76 0.16
C PRO B 87 -28.99 6.04 0.95
N ASP B 88 -28.78 5.37 2.08
N ASP B 88 -28.76 5.35 2.06
CA ASP B 88 -27.61 5.66 2.92
CA ASP B 88 -27.61 5.63 2.90
C ASP B 88 -26.72 4.45 3.17
C ASP B 88 -26.72 4.42 3.16
N SER B 89 -26.82 3.38 2.38
N SER B 89 -26.85 3.33 2.39
CA SER B 89 -26.01 2.20 2.67
CA SER B 89 -26.09 2.12 2.66
C SER B 89 -25.66 1.44 1.39
C SER B 89 -25.66 1.44 1.36
N VAL B 90 -24.40 1.03 1.31
CA VAL B 90 -23.84 0.34 0.16
C VAL B 90 -23.07 -0.84 0.71
N GLU B 91 -23.33 -2.03 0.15
CA GLU B 91 -22.56 -3.22 0.49
C GLU B 91 -21.38 -3.38 -0.46
N VAL B 92 -20.23 -3.80 0.09
CA VAL B 92 -18.99 -3.89 -0.66
C VAL B 92 -18.44 -5.30 -0.45
N ARG B 93 -17.83 -5.85 -1.51
CA ARG B 93 -17.10 -7.10 -1.46
C ARG B 93 -15.81 -6.89 -2.24
N PHE B 94 -14.66 -7.21 -1.65
CA PHE B 94 -13.44 -7.01 -2.41
C PHE B 94 -12.39 -8.00 -2.00
N LYS B 95 -11.44 -8.15 -2.89
CA LYS B 95 -10.23 -8.92 -2.62
C LYS B 95 -9.10 -7.95 -2.30
N SER B 96 -8.26 -8.35 -1.34
CA SER B 96 -7.12 -7.55 -0.90
C SER B 96 -5.83 -8.24 -1.31
N SER B 97 -4.81 -7.43 -1.59
CA SER B 97 -3.47 -7.94 -1.77
C SER B 97 -2.95 -8.66 -0.52
N ASP B 98 -3.62 -8.53 0.64
CA ASP B 98 -3.15 -9.25 1.81
C ASP B 98 -3.55 -10.71 1.79
N GLY B 99 -4.33 -11.10 0.79
CA GLY B 99 -4.73 -12.48 0.62
C GLY B 99 -6.15 -12.78 1.05
N ARG B 100 -6.83 -11.81 1.67
CA ARG B 100 -8.15 -12.04 2.22
C ARG B 100 -9.21 -11.45 1.31
N GLU B 101 -10.41 -11.99 1.43
CA GLU B 101 -11.60 -11.38 0.89
C GLU B 101 -12.31 -10.65 2.01
N TYR B 102 -12.79 -9.45 1.73
CA TYR B 102 -13.49 -8.64 2.71
C TYR B 102 -14.90 -8.35 2.25
N SER B 103 -15.80 -8.21 3.20
CA SER B 103 -17.08 -7.61 2.89
C SER B 103 -17.45 -6.61 3.98
N GLY B 104 -18.39 -5.76 3.65
CA GLY B 104 -18.81 -4.77 4.62
C GLY B 104 -19.66 -3.74 3.95
N GLU B 105 -19.69 -2.55 4.55
CA GLU B 105 -20.62 -1.56 4.03
C GLU B 105 -20.07 -0.16 4.24
N PHE B 106 -20.53 0.73 3.37
CA PHE B 106 -20.46 2.16 3.52
C PHE B 106 -21.81 2.63 4.06
N ARG B 107 -21.78 3.48 5.08
CA ARG B 107 -22.96 4.06 5.68
C ARG B 107 -22.83 5.57 5.62
N ARG B 108 -23.82 6.22 5.00
CA ARG B 108 -23.75 7.65 4.74
C ARG B 108 -23.88 8.41 6.04
N GLN B 109 -23.03 9.43 6.22
CA GLN B 109 -23.12 10.32 7.36
C GLN B 109 -23.84 11.58 6.94
#